data_5SL6
#
_entry.id   5SL6
#
_cell.length_a   68.125
_cell.length_b   67.928
_cell.length_c   138.368
_cell.angle_alpha   90.000
_cell.angle_beta   90.000
_cell.angle_gamma   90.000
#
_symmetry.space_group_name_H-M   'P 21 21 21'
#
loop_
_entity.id
_entity.type
_entity.pdbx_description
1 polymer 'Proofreading exoribonuclease nsp14'
2 non-polymer 'ZINC ION'
3 non-polymer 'PHOSPHATE ION'
4 non-polymer '3-methylthiophene-2-carboxylic acid'
5 water water
#
_entity_poly.entity_id   1
_entity_poly.type   'polypeptide(L)'
_entity_poly.pdbx_seq_one_letter_code
;SMLFKDCSKVITGLHPTQAPTHLSVDTKFKTEGLCVDIPGIPKDMTYRRLISMMGFKMNYQVNGYPNMFITREEAIRHVR
AWIGFDVEGCHATREAVGTNLPLQLGFSTGVNLVAVPTGYVDTPNNTDFSRVSAKPPPGDQFKHLIPLMYKGLPWNVVRI
KIVQMLSDTLKNLSDRVVFVLWAHGFELTSMKYFVKIGPERTCCLCDRRATCFSTASDTYACWHHSIGFDYVYNPFMIDV
QQWGFTGNLQSNHDLYCQVHGNAHVASCDAIMTRCLAVHECFVKRVDWTIEYPIIGDELKINAACRKVQHMVVKAALLAD
KFPVLHDIGNPKAIKCVPQADVEWKFYDAQPCSDKAYKIEELFYSYATHSDKFTDGVCLFWNCNVDRYPANSIVCRFDTR
VLSNLNLPGCDGGSLYVNKHAFHTPAFDKSAFVNLKQLPFFYYSDSPCESHGKQVVSDIDYVPLKSATCITRCNLGGAVC
RHHANEYRLYLDAYNMMISAGFSLWVYKQFDTYNLWNTFTRLQ
;
_entity_poly.pdbx_strand_id   D
#
loop_
_chem_comp.id
_chem_comp.type
_chem_comp.name
_chem_comp.formula
60P non-polymer '3-methylthiophene-2-carboxylic acid' 'C6 H6 O2 S'
PO4 non-polymer 'PHOSPHATE ION' 'O4 P -3'
ZN non-polymer 'ZINC ION' 'Zn 2'
#
# COMPACT_ATOMS: atom_id res chain seq x y z
N PRO A 20 15.20 24.20 1.55
CA PRO A 20 14.74 23.01 0.81
C PRO A 20 14.29 21.83 1.69
N THR A 21 13.75 22.13 2.90
CA THR A 21 13.25 21.11 3.83
C THR A 21 11.71 20.97 3.75
N HIS A 22 10.98 22.08 4.00
CA HIS A 22 9.51 22.08 3.94
C HIS A 22 9.00 23.02 2.82
N LEU A 23 7.69 22.96 2.49
CA LEU A 23 7.12 23.85 1.48
C LEU A 23 7.01 25.22 2.10
N SER A 24 7.62 26.25 1.49
CA SER A 24 7.60 27.59 2.06
C SER A 24 6.21 28.22 2.01
N VAL A 25 5.80 28.93 3.08
CA VAL A 25 4.50 29.63 3.05
C VAL A 25 4.53 30.77 2.04
N ASP A 26 5.73 31.30 1.71
CA ASP A 26 5.86 32.37 0.72
C ASP A 26 5.89 31.85 -0.72
N THR A 27 5.67 30.53 -0.95
CA THR A 27 5.56 29.91 -2.27
C THR A 27 4.21 30.33 -2.85
N LYS A 28 4.13 30.55 -4.17
CA LYS A 28 2.90 30.94 -4.81
C LYS A 28 1.94 29.76 -4.93
N PHE A 29 0.66 30.06 -4.77
CA PHE A 29 -0.41 29.08 -4.88
C PHE A 29 -1.27 29.53 -6.08
N LYS A 30 -1.38 28.68 -7.12
CA LYS A 30 -2.19 29.00 -8.30
C LYS A 30 -3.64 28.91 -7.88
N THR A 31 -4.39 30.01 -7.98
CA THR A 31 -5.78 30.05 -7.51
C THR A 31 -6.85 29.94 -8.59
N GLU A 32 -6.45 29.68 -9.85
CA GLU A 32 -7.40 29.58 -10.96
C GLU A 32 -8.49 28.51 -10.74
N GLY A 33 -8.09 27.38 -10.18
CA GLY A 33 -9.00 26.29 -9.89
C GLY A 33 -9.97 26.55 -8.75
N LEU A 34 -9.78 27.66 -8.03
CA LEU A 34 -10.56 28.11 -6.87
C LEU A 34 -11.54 29.23 -7.21
N CYS A 35 -11.45 29.85 -8.40
CA CYS A 35 -12.23 31.04 -8.68
C CYS A 35 -13.69 30.80 -9.04
N VAL A 36 -14.17 29.55 -9.02
CA VAL A 36 -15.59 29.29 -9.28
C VAL A 36 -16.33 29.31 -7.95
N ASP A 37 -15.79 28.61 -6.94
CA ASP A 37 -16.32 28.70 -5.59
C ASP A 37 -15.96 30.07 -4.96
N ILE A 38 -14.77 30.61 -5.28
CA ILE A 38 -14.33 31.93 -4.81
C ILE A 38 -14.12 32.90 -5.98
N PRO A 39 -15.19 33.51 -6.55
CA PRO A 39 -14.99 34.49 -7.63
C PRO A 39 -14.30 35.75 -7.13
N GLY A 40 -13.36 36.24 -7.91
CA GLY A 40 -12.60 37.42 -7.55
C GLY A 40 -11.29 37.15 -6.84
N ILE A 41 -10.94 35.88 -6.66
CA ILE A 41 -9.72 35.50 -5.98
C ILE A 41 -8.47 36.06 -6.69
N PRO A 42 -7.55 36.70 -5.96
CA PRO A 42 -6.37 37.28 -6.62
C PRO A 42 -5.53 36.22 -7.30
N LYS A 43 -5.08 36.47 -8.52
CA LYS A 43 -4.24 35.53 -9.26
C LYS A 43 -2.91 35.35 -8.50
N ASP A 44 -2.37 36.45 -7.91
CA ASP A 44 -1.16 36.36 -7.11
C ASP A 44 -1.57 35.99 -5.70
N MET A 45 -1.14 34.82 -5.25
CA MET A 45 -1.47 34.35 -3.92
C MET A 45 -0.33 33.47 -3.42
N THR A 46 -0.04 33.51 -2.12
CA THR A 46 0.98 32.65 -1.53
C THR A 46 0.28 31.68 -0.58
N TYR A 47 0.98 30.63 -0.12
CA TYR A 47 0.42 29.72 0.86
C TYR A 47 0.02 30.46 2.15
N ARG A 48 0.81 31.47 2.53
CA ARG A 48 0.66 32.32 3.69
C ARG A 48 -0.68 33.06 3.69
N ARG A 49 -1.02 33.70 2.55
CA ARG A 49 -2.29 34.42 2.40
C ARG A 49 -3.47 33.45 2.26
N LEU A 50 -3.24 32.27 1.66
CA LEU A 50 -4.25 31.26 1.50
C LEU A 50 -4.65 30.70 2.85
N ILE A 51 -3.66 30.30 3.70
CA ILE A 51 -3.89 29.76 5.04
C ILE A 51 -4.64 30.80 5.87
N SER A 52 -4.18 32.05 5.82
CA SER A 52 -4.81 33.15 6.55
C SER A 52 -6.25 33.32 6.11
N MET A 53 -6.52 33.23 4.79
CA MET A 53 -7.84 33.31 4.19
C MET A 53 -8.73 32.13 4.63
N MET A 54 -8.12 30.95 4.81
CA MET A 54 -8.85 29.78 5.29
C MET A 54 -9.37 29.94 6.73
N GLY A 55 -8.77 30.85 7.50
CA GLY A 55 -9.19 31.15 8.86
C GLY A 55 -8.21 30.75 9.93
N PHE A 56 -6.94 30.52 9.55
CA PHE A 56 -5.92 30.06 10.49
C PHE A 56 -4.84 31.07 10.77
N LYS A 57 -4.51 31.28 12.06
CA LYS A 57 -3.44 32.20 12.45
C LYS A 57 -2.18 31.39 12.71
N MET A 58 -1.20 31.46 11.80
CA MET A 58 0.01 30.67 11.95
C MET A 58 1.14 31.40 12.71
N ASN A 59 0.79 32.51 13.44
CA ASN A 59 1.67 33.37 14.27
C ASN A 59 3.14 32.88 14.42
N TYR A 60 4.00 33.14 13.37
CA TYR A 60 5.44 32.76 13.20
C TYR A 60 5.89 31.69 14.20
N GLN A 61 5.23 30.54 14.15
CA GLN A 61 5.46 29.48 15.10
C GLN A 61 6.56 28.51 14.60
N VAL A 62 7.71 28.56 15.29
CA VAL A 62 8.87 27.71 15.02
C VAL A 62 8.75 26.46 15.90
N ASN A 63 7.60 25.77 15.80
CA ASN A 63 7.37 24.62 16.65
C ASN A 63 7.01 23.35 15.88
N GLY A 64 7.64 23.15 14.72
CA GLY A 64 7.45 21.95 13.92
C GLY A 64 6.35 21.92 12.88
N TYR A 65 5.50 22.95 12.85
CA TYR A 65 4.41 23.02 11.87
C TYR A 65 4.61 24.30 11.03
N PRO A 66 5.53 24.28 10.02
CA PRO A 66 5.80 25.50 9.26
C PRO A 66 4.76 25.85 8.21
N ASN A 67 3.99 24.87 7.77
CA ASN A 67 3.00 25.05 6.73
C ASN A 67 2.00 23.90 6.83
N MET A 68 0.72 24.17 6.53
CA MET A 68 -0.30 23.14 6.47
C MET A 68 -0.08 22.31 5.19
N PHE A 69 0.21 22.98 4.08
CA PHE A 69 0.46 22.38 2.77
C PHE A 69 1.87 21.85 2.66
N ILE A 70 2.06 20.76 1.91
CA ILE A 70 3.37 20.13 1.80
C ILE A 70 3.80 19.86 0.37
N THR A 71 5.11 19.65 0.17
CA THR A 71 5.72 19.35 -1.13
C THR A 71 5.28 17.96 -1.61
N ARG A 72 5.39 17.71 -2.91
CA ARG A 72 5.12 16.44 -3.55
C ARG A 72 6.05 15.36 -2.96
N GLU A 73 7.29 15.72 -2.58
CA GLU A 73 8.30 14.81 -2.01
C GLU A 73 7.92 14.39 -0.61
N GLU A 74 7.48 15.34 0.21
CA GLU A 74 7.02 15.03 1.56
C GLU A 74 5.75 14.20 1.53
N ALA A 75 4.86 14.45 0.55
CA ALA A 75 3.64 13.66 0.41
C ALA A 75 3.97 12.22 0.04
N ILE A 76 5.04 11.99 -0.73
CA ILE A 76 5.43 10.64 -1.11
C ILE A 76 5.95 9.90 0.10
N ARG A 77 6.81 10.55 0.89
CA ARG A 77 7.31 9.93 2.12
C ARG A 77 6.19 9.59 3.10
N HIS A 78 5.04 10.28 3.00
CA HIS A 78 3.90 10.10 3.87
C HIS A 78 2.67 9.65 3.08
N VAL A 79 2.83 8.65 2.18
CA VAL A 79 1.71 8.13 1.40
C VAL A 79 0.71 7.34 2.25
N ARG A 80 1.18 6.66 3.34
CA ARG A 80 0.28 5.92 4.26
C ARG A 80 -0.76 6.84 4.95
N ALA A 81 -0.51 8.16 4.93
CA ALA A 81 -1.34 9.20 5.49
C ALA A 81 -2.35 9.77 4.51
N TRP A 82 -2.17 9.56 3.18
CA TRP A 82 -3.04 10.13 2.16
C TRP A 82 -4.49 9.75 2.29
N ILE A 83 -5.35 10.77 2.37
CA ILE A 83 -6.79 10.66 2.44
C ILE A 83 -7.31 11.72 1.51
N GLY A 84 -7.92 11.31 0.41
CA GLY A 84 -8.54 12.23 -0.54
C GLY A 84 -9.69 12.95 0.13
N PHE A 85 -9.77 14.25 -0.07
CA PHE A 85 -10.82 15.06 0.55
C PHE A 85 -11.47 15.98 -0.50
N ASP A 86 -12.80 16.01 -0.54
CA ASP A 86 -13.54 16.83 -1.48
C ASP A 86 -14.81 17.36 -0.84
N VAL A 87 -15.16 18.63 -1.11
CA VAL A 87 -16.36 19.22 -0.54
C VAL A 87 -17.20 19.76 -1.66
N GLU A 88 -18.46 19.32 -1.74
CA GLU A 88 -19.40 19.76 -2.77
C GLU A 88 -20.64 20.41 -2.17
N GLY A 89 -20.73 21.72 -2.27
CA GLY A 89 -21.84 22.49 -1.72
C GLY A 89 -23.20 22.20 -2.32
N CYS A 90 -23.95 21.26 -1.68
CA CYS A 90 -25.31 20.75 -1.99
C CYS A 90 -26.25 21.84 -2.53
N HIS A 91 -26.39 22.94 -1.78
CA HIS A 91 -27.23 24.04 -2.22
C HIS A 91 -26.35 25.19 -2.76
N GLY A 98 -20.92 27.19 1.47
CA GLY A 98 -20.63 28.61 1.64
C GLY A 98 -21.25 29.23 2.88
N THR A 99 -21.36 28.43 3.98
CA THR A 99 -21.93 28.77 5.31
C THR A 99 -23.42 29.20 5.25
N ASN A 100 -23.98 29.36 4.05
CA ASN A 100 -25.38 29.66 3.81
C ASN A 100 -26.09 28.33 3.46
N LEU A 101 -25.42 27.50 2.62
CA LEU A 101 -25.85 26.22 2.07
C LEU A 101 -25.18 25.02 2.79
N PRO A 102 -25.80 23.83 2.73
CA PRO A 102 -25.16 22.64 3.33
C PRO A 102 -24.00 22.11 2.47
N LEU A 103 -23.11 21.31 3.07
CA LEU A 103 -21.96 20.78 2.35
C LEU A 103 -21.88 19.27 2.41
N GLN A 104 -21.51 18.63 1.31
CA GLN A 104 -21.30 17.19 1.28
C GLN A 104 -19.79 16.98 1.41
N LEU A 105 -19.38 16.34 2.50
CA LEU A 105 -17.99 16.09 2.85
C LEU A 105 -17.60 14.69 2.41
N GLY A 106 -16.82 14.58 1.36
CA GLY A 106 -16.44 13.29 0.82
C GLY A 106 -15.00 12.94 1.05
N PHE A 107 -14.74 11.68 1.40
CA PHE A 107 -13.40 11.16 1.70
C PHE A 107 -13.13 9.86 0.92
N SER A 108 -11.83 9.58 0.65
CA SER A 108 -11.45 8.37 -0.09
C SER A 108 -11.72 7.06 0.69
N THR A 109 -12.21 7.17 1.93
CA THR A 109 -12.70 6.00 2.66
C THR A 109 -14.15 5.61 2.18
N GLY A 110 -14.71 6.34 1.21
CA GLY A 110 -16.05 6.08 0.69
C GLY A 110 -17.15 6.79 1.46
N VAL A 111 -16.78 7.50 2.54
CA VAL A 111 -17.69 8.21 3.43
C VAL A 111 -18.08 9.60 2.94
N ASN A 112 -19.40 9.91 3.01
CA ASN A 112 -20.00 11.21 2.67
C ASN A 112 -20.81 11.73 3.87
N LEU A 113 -20.32 12.74 4.56
CA LEU A 113 -21.04 13.36 5.66
C LEU A 113 -21.68 14.66 5.17
N VAL A 114 -22.93 14.97 5.55
CA VAL A 114 -23.54 16.25 5.17
C VAL A 114 -23.55 17.21 6.37
N ALA A 115 -22.92 18.38 6.22
CA ALA A 115 -22.87 19.37 7.29
C ALA A 115 -23.83 20.52 7.00
N VAL A 116 -24.62 20.92 8.02
CA VAL A 116 -25.57 22.05 7.97
C VAL A 116 -25.07 23.17 8.91
N PRO A 117 -25.17 24.44 8.47
CA PRO A 117 -24.58 25.52 9.27
C PRO A 117 -25.44 26.08 10.41
N THR A 118 -26.72 25.66 10.49
CA THR A 118 -27.74 26.08 11.47
C THR A 118 -27.19 26.54 12.84
N PRO A 147 -19.21 4.75 -0.95
CA PRO A 147 -20.43 5.45 -1.37
C PRO A 147 -21.44 5.57 -0.22
N LEU A 148 -20.96 5.72 1.03
CA LEU A 148 -21.79 5.83 2.22
C LEU A 148 -22.34 7.23 2.46
N MET A 149 -23.54 7.51 1.92
CA MET A 149 -24.21 8.81 2.01
C MET A 149 -25.07 9.01 3.30
N TYR A 150 -24.60 9.91 4.19
CA TYR A 150 -25.24 10.25 5.47
C TYR A 150 -26.10 11.51 5.34
N LYS A 151 -27.18 11.63 6.17
CA LYS A 151 -28.12 12.77 6.19
C LYS A 151 -27.53 14.04 6.87
N GLY A 152 -28.11 15.20 6.61
CA GLY A 152 -27.65 16.48 7.15
C GLY A 152 -27.59 16.59 8.67
N LEU A 153 -26.46 17.09 9.19
CA LEU A 153 -26.22 17.26 10.63
C LEU A 153 -25.29 18.46 10.91
N PRO A 154 -25.44 19.18 12.06
CA PRO A 154 -24.57 20.35 12.30
C PRO A 154 -23.11 20.01 12.52
N TRP A 155 -22.21 20.93 12.18
CA TRP A 155 -20.76 20.76 12.31
C TRP A 155 -20.24 20.16 13.59
N ASN A 156 -20.87 20.50 14.74
CA ASN A 156 -20.40 20.00 16.03
C ASN A 156 -20.50 18.48 16.19
N VAL A 157 -21.40 17.81 15.43
CA VAL A 157 -21.47 16.36 15.47
C VAL A 157 -20.65 15.77 14.31
N VAL A 158 -20.68 16.41 13.13
CA VAL A 158 -19.93 16.00 11.96
C VAL A 158 -18.41 15.93 12.27
N ARG A 159 -17.85 16.93 13.03
CA ARG A 159 -16.44 16.92 13.37
C ARG A 159 -16.06 15.72 14.26
N ILE A 160 -16.94 15.30 15.19
CA ILE A 160 -16.73 14.10 16.02
C ILE A 160 -16.65 12.84 15.14
N LYS A 161 -17.52 12.74 14.12
CA LYS A 161 -17.54 11.62 13.18
C LYS A 161 -16.26 11.61 12.37
N ILE A 162 -15.77 12.81 11.93
CA ILE A 162 -14.52 12.96 11.16
C ILE A 162 -13.30 12.42 11.92
N VAL A 163 -13.18 12.78 13.20
CA VAL A 163 -12.08 12.33 14.05
C VAL A 163 -12.13 10.79 14.24
N GLN A 164 -13.33 10.20 14.38
CA GLN A 164 -13.47 8.75 14.50
C GLN A 164 -12.99 8.05 13.23
N MET A 165 -13.46 8.47 12.05
CA MET A 165 -13.09 7.85 10.79
C MET A 165 -11.60 7.90 10.45
N LEU A 166 -10.94 9.06 10.63
CA LEU A 166 -9.51 9.18 10.35
C LEU A 166 -8.69 8.39 11.37
N SER A 167 -9.12 8.40 12.64
CA SER A 167 -8.44 7.68 13.70
C SER A 167 -8.49 6.20 13.45
N ASP A 168 -9.67 5.68 13.05
CA ASP A 168 -9.80 4.24 12.79
C ASP A 168 -9.08 3.86 11.51
N THR A 169 -9.06 4.74 10.51
CA THR A 169 -8.39 4.45 9.24
C THR A 169 -6.86 4.49 9.34
N LEU A 170 -6.33 5.54 9.95
CA LEU A 170 -4.90 5.81 10.01
C LEU A 170 -4.12 5.29 11.18
N LYS A 171 -4.76 4.87 12.29
CA LYS A 171 -4.01 4.50 13.49
C LYS A 171 -2.92 3.46 13.25
N ASN A 172 -3.14 2.55 12.32
CA ASN A 172 -2.18 1.50 12.02
C ASN A 172 -1.29 1.74 10.82
N LEU A 173 -1.34 2.92 10.23
CA LEU A 173 -0.52 3.18 9.06
C LEU A 173 0.34 4.41 9.19
N SER A 174 -0.14 5.42 9.92
CA SER A 174 0.56 6.69 9.95
C SER A 174 0.47 7.47 11.25
N ASP A 175 1.45 8.37 11.47
CA ASP A 175 1.47 9.29 12.61
C ASP A 175 0.76 10.63 12.29
N ARG A 176 0.14 10.75 11.10
CA ARG A 176 -0.50 11.96 10.60
C ARG A 176 -1.53 11.67 9.51
N VAL A 177 -2.20 12.72 9.01
CA VAL A 177 -3.13 12.69 7.88
C VAL A 177 -2.62 13.70 6.86
N VAL A 178 -2.78 13.36 5.56
CA VAL A 178 -2.46 14.24 4.46
C VAL A 178 -3.73 14.30 3.61
N PHE A 179 -4.33 15.48 3.49
CA PHE A 179 -5.55 15.63 2.69
C PHE A 179 -5.16 15.85 1.26
N VAL A 180 -5.48 14.90 0.40
CA VAL A 180 -5.16 14.98 -1.00
C VAL A 180 -6.34 15.74 -1.64
N LEU A 181 -6.06 16.92 -2.16
CA LEU A 181 -7.09 17.80 -2.70
C LEU A 181 -6.96 18.03 -4.18
N TRP A 182 -8.07 18.38 -4.82
CA TRP A 182 -8.17 18.88 -6.19
C TRP A 182 -9.08 20.07 -5.95
N ALA A 183 -8.51 21.10 -5.33
CA ALA A 183 -9.15 22.27 -4.77
C ALA A 183 -9.97 23.15 -5.71
N HIS A 184 -11.19 23.40 -5.27
CA HIS A 184 -12.07 24.35 -5.92
C HIS A 184 -12.49 25.52 -4.99
N GLY A 185 -12.18 25.45 -3.71
CA GLY A 185 -12.54 26.51 -2.78
C GLY A 185 -13.24 26.04 -1.52
N PHE A 186 -14.39 25.36 -1.67
CA PHE A 186 -15.18 24.88 -0.53
C PHE A 186 -14.51 23.93 0.46
N GLU A 187 -13.48 23.17 0.07
CA GLU A 187 -12.82 22.24 0.99
C GLU A 187 -11.84 22.96 1.89
N LEU A 188 -11.17 23.98 1.40
CA LEU A 188 -10.22 24.75 2.19
C LEU A 188 -10.95 25.67 3.18
N THR A 189 -12.08 26.23 2.74
CA THR A 189 -12.83 27.14 3.59
C THR A 189 -13.61 26.36 4.67
N SER A 190 -14.03 25.13 4.39
CA SER A 190 -14.74 24.32 5.38
C SER A 190 -13.82 23.66 6.44
N MET A 191 -12.50 23.75 6.26
CA MET A 191 -11.58 23.10 7.18
C MET A 191 -11.59 23.69 8.56
N LYS A 192 -11.79 24.99 8.69
CA LYS A 192 -11.87 25.66 9.99
C LYS A 192 -13.02 25.10 10.90
N TYR A 193 -13.95 24.35 10.29
CA TYR A 193 -15.05 23.75 11.01
C TYR A 193 -14.72 22.39 11.62
N PHE A 194 -13.54 21.83 11.33
CA PHE A 194 -13.15 20.54 11.89
C PHE A 194 -11.66 20.41 12.16
N VAL A 195 -10.88 21.48 11.95
CA VAL A 195 -9.42 21.47 12.13
C VAL A 195 -8.96 22.59 13.07
N LYS A 196 -8.05 22.28 14.02
CA LYS A 196 -7.36 23.23 14.91
C LYS A 196 -5.84 23.10 14.68
N ILE A 197 -5.11 24.21 14.55
CA ILE A 197 -3.66 24.17 14.35
C ILE A 197 -2.90 24.84 15.54
N GLY A 198 -1.62 24.52 15.66
CA GLY A 198 -0.77 25.05 16.70
C GLY A 198 0.60 24.40 16.67
N PRO A 199 1.32 24.47 17.80
CA PRO A 199 2.66 23.84 17.84
C PRO A 199 2.58 22.32 17.86
N GLU A 200 3.64 21.65 17.42
CA GLU A 200 3.69 20.20 17.45
C GLU A 200 3.59 19.67 18.88
N ARG A 201 2.76 18.65 19.09
CA ARG A 201 2.54 18.11 20.44
C ARG A 201 2.62 16.60 20.52
N THR A 202 2.50 16.04 21.74
CA THR A 202 2.43 14.61 21.97
C THR A 202 1.06 14.23 22.56
N CYS A 203 0.74 12.94 22.51
CA CYS A 203 -0.53 12.44 23.02
C CYS A 203 -0.58 12.53 24.55
N CYS A 204 -1.79 12.75 25.12
CA CYS A 204 -1.93 12.80 26.57
C CYS A 204 -1.82 11.40 27.22
N LEU A 205 -1.97 10.32 26.43
CA LEU A 205 -1.84 8.97 26.95
C LEU A 205 -0.60 8.22 26.43
N CYS A 206 0.19 8.83 25.52
CA CYS A 206 1.39 8.16 24.99
C CYS A 206 2.46 9.14 24.41
N ASP A 207 3.51 8.61 23.80
CA ASP A 207 4.60 9.41 23.28
C ASP A 207 4.45 9.83 21.82
N ARG A 208 3.43 9.32 21.12
CA ARG A 208 3.23 9.66 19.71
C ARG A 208 2.79 11.09 19.52
N ARG A 209 3.06 11.66 18.33
CA ARG A 209 2.63 13.01 18.01
C ARG A 209 1.10 13.13 18.04
N ALA A 210 0.61 14.33 18.32
CA ALA A 210 -0.82 14.56 18.40
C ALA A 210 -1.43 14.79 17.02
N THR A 211 -2.54 14.15 16.77
CA THR A 211 -3.28 14.29 15.53
C THR A 211 -4.72 14.75 15.75
N CYS A 212 -5.19 14.76 17.00
CA CYS A 212 -6.56 15.17 17.37
C CYS A 212 -6.55 16.10 18.60
N PHE A 213 -7.68 16.73 18.87
CA PHE A 213 -7.80 17.65 20.00
C PHE A 213 -9.23 17.60 20.56
N SER A 214 -9.38 17.64 21.88
CA SER A 214 -10.70 17.64 22.49
C SER A 214 -11.03 18.96 23.18
N THR A 215 -12.12 19.64 22.77
CA THR A 215 -12.50 20.89 23.45
C THR A 215 -13.13 20.64 24.81
N ALA A 216 -13.77 19.48 24.99
CA ALA A 216 -14.40 19.06 26.24
C ALA A 216 -13.37 18.93 27.35
N SER A 217 -12.18 18.34 27.06
CA SER A 217 -11.15 18.14 28.06
C SER A 217 -9.92 19.03 27.91
N ASP A 218 -9.80 19.80 26.81
CA ASP A 218 -8.62 20.64 26.57
C ASP A 218 -7.30 19.89 26.39
N THR A 219 -7.37 18.59 26.01
CA THR A 219 -6.19 17.73 25.82
C THR A 219 -5.99 17.30 24.37
N TYR A 220 -4.80 16.75 24.04
CA TYR A 220 -4.47 16.31 22.69
C TYR A 220 -4.19 14.79 22.66
N ALA A 221 -4.42 14.15 21.51
CA ALA A 221 -4.21 12.72 21.41
C ALA A 221 -3.76 12.30 20.03
N CYS A 222 -3.16 11.10 19.90
CA CYS A 222 -2.81 10.52 18.62
C CYS A 222 -4.08 9.77 18.09
N TRP A 223 -3.98 8.98 17.00
CA TRP A 223 -5.11 8.24 16.44
C TRP A 223 -5.58 7.09 17.36
N HIS A 224 -4.64 6.49 18.09
CA HIS A 224 -4.95 5.41 19.00
C HIS A 224 -5.78 5.84 20.23
N HIS A 225 -5.58 7.07 20.74
CA HIS A 225 -6.24 7.54 21.96
C HIS A 225 -7.21 8.71 21.78
N SER A 226 -7.76 8.86 20.59
CA SER A 226 -8.64 9.98 20.28
C SER A 226 -10.15 9.72 20.45
N ILE A 227 -10.53 8.72 21.25
CA ILE A 227 -11.94 8.40 21.44
C ILE A 227 -12.65 9.56 22.19
N GLY A 228 -13.69 10.08 21.56
CA GLY A 228 -14.42 11.21 22.11
C GLY A 228 -13.85 12.57 21.72
N PHE A 229 -12.79 12.60 20.90
CA PHE A 229 -12.16 13.85 20.49
C PHE A 229 -12.91 14.49 19.33
N ASP A 230 -12.99 15.85 19.29
CA ASP A 230 -13.79 16.52 18.26
C ASP A 230 -12.99 17.28 17.17
N TYR A 231 -11.70 17.61 17.38
CA TYR A 231 -10.95 18.34 16.35
C TYR A 231 -9.80 17.58 15.74
N VAL A 232 -9.49 17.89 14.49
CA VAL A 232 -8.35 17.32 13.79
C VAL A 232 -7.22 18.31 14.05
N TYR A 233 -6.21 17.88 14.78
CA TYR A 233 -5.10 18.74 15.12
C TYR A 233 -3.90 18.63 14.17
N ASN A 234 -3.44 19.79 13.66
CA ASN A 234 -2.28 19.91 12.77
C ASN A 234 -2.28 18.93 11.60
N PRO A 235 -3.34 18.96 10.75
CA PRO A 235 -3.33 18.08 9.58
C PRO A 235 -2.41 18.64 8.48
N PHE A 236 -2.13 17.81 7.46
CA PHE A 236 -1.34 18.22 6.29
C PHE A 236 -2.24 18.13 5.06
N MET A 237 -1.85 18.82 3.98
CA MET A 237 -2.65 18.81 2.76
C MET A 237 -1.81 19.10 1.55
N ILE A 238 -2.27 18.64 0.40
CA ILE A 238 -1.58 18.82 -0.86
C ILE A 238 -2.60 18.96 -1.98
N ASP A 239 -2.48 20.04 -2.75
CA ASP A 239 -3.39 20.30 -3.85
C ASP A 239 -2.75 19.73 -5.09
N VAL A 240 -3.44 18.77 -5.71
CA VAL A 240 -2.98 18.09 -6.92
C VAL A 240 -3.06 19.05 -8.10
N GLN A 241 -4.07 19.94 -8.12
CA GLN A 241 -4.19 20.92 -9.17
C GLN A 241 -2.93 21.84 -9.30
N GLN A 242 -2.11 21.90 -8.25
CA GLN A 242 -0.85 22.65 -8.26
C GLN A 242 0.24 22.01 -9.13
N TRP A 243 0.11 20.72 -9.41
CA TRP A 243 1.09 19.99 -10.19
C TRP A 243 1.05 20.23 -11.69
N GLY A 244 0.15 21.09 -12.15
CA GLY A 244 0.09 21.45 -13.56
C GLY A 244 -0.70 20.49 -14.42
N PHE A 245 -2.03 20.58 -14.31
CA PHE A 245 -2.90 19.72 -15.09
C PHE A 245 -3.77 20.55 -16.03
N THR A 246 -4.05 19.99 -17.21
CA THR A 246 -4.94 20.63 -18.17
C THR A 246 -6.23 19.84 -18.13
N GLY A 247 -7.30 20.48 -17.70
CA GLY A 247 -8.61 19.84 -17.62
C GLY A 247 -9.07 19.57 -16.21
N ASN A 248 -10.28 19.00 -16.09
CA ASN A 248 -10.91 18.67 -14.80
C ASN A 248 -10.39 17.33 -14.20
N LEU A 249 -10.83 16.99 -13.00
CA LEU A 249 -10.43 15.77 -12.33
C LEU A 249 -10.83 14.52 -13.10
N GLN A 250 -12.10 14.40 -13.53
CA GLN A 250 -12.51 13.21 -14.28
C GLN A 250 -11.68 13.01 -15.55
N SER A 251 -11.45 14.07 -16.34
CA SER A 251 -10.69 13.94 -17.58
C SER A 251 -9.29 13.39 -17.36
N ASN A 252 -8.58 13.93 -16.36
CA ASN A 252 -7.22 13.56 -16.04
C ASN A 252 -7.11 12.19 -15.40
N HIS A 253 -8.01 11.90 -14.46
CA HIS A 253 -8.05 10.63 -13.76
C HIS A 253 -8.33 9.50 -14.74
N ASP A 254 -9.44 9.62 -15.53
CA ASP A 254 -9.89 8.62 -16.51
C ASP A 254 -8.88 8.29 -17.60
N LEU A 255 -7.90 9.15 -17.81
CA LEU A 255 -6.80 8.89 -18.73
C LEU A 255 -6.00 7.64 -18.27
N TYR A 256 -6.05 7.30 -16.97
CA TYR A 256 -5.28 6.18 -16.42
C TYR A 256 -6.09 5.15 -15.66
N CYS A 257 -7.27 5.51 -15.11
CA CYS A 257 -8.03 4.57 -14.32
C CYS A 257 -9.45 4.32 -14.81
N GLN A 258 -9.77 3.04 -15.04
CA GLN A 258 -11.10 2.60 -15.46
C GLN A 258 -11.90 1.98 -14.29
N VAL A 259 -11.28 1.80 -13.10
CA VAL A 259 -11.86 1.14 -11.91
C VAL A 259 -12.65 2.10 -11.00
N HIS A 260 -12.37 3.41 -11.07
CA HIS A 260 -13.12 4.38 -10.29
C HIS A 260 -13.99 5.21 -11.21
N GLY A 261 -15.29 5.20 -10.96
CA GLY A 261 -16.23 5.97 -11.78
C GLY A 261 -16.71 7.20 -11.05
N ASN A 262 -17.06 8.27 -11.78
CA ASN A 262 -17.57 9.47 -11.13
C ASN A 262 -19.06 9.34 -10.96
N ALA A 263 -19.51 9.00 -9.74
CA ALA A 263 -20.95 8.92 -9.48
C ALA A 263 -21.55 10.29 -9.10
N HIS A 264 -20.76 11.39 -9.17
CA HIS A 264 -21.14 12.77 -8.84
C HIS A 264 -21.43 12.99 -7.34
N VAL A 265 -20.77 12.20 -6.49
CA VAL A 265 -20.80 12.38 -5.05
C VAL A 265 -19.39 12.78 -4.60
N ALA A 266 -19.30 13.55 -3.51
CA ALA A 266 -18.05 14.07 -3.03
C ALA A 266 -17.01 13.00 -2.74
N SER A 267 -17.41 11.83 -2.26
CA SER A 267 -16.48 10.73 -2.01
C SER A 267 -15.86 10.19 -3.30
N CYS A 268 -16.62 10.16 -4.41
CA CYS A 268 -16.13 9.71 -5.73
C CYS A 268 -15.00 10.60 -6.27
N ASP A 269 -15.06 11.89 -5.95
CA ASP A 269 -14.03 12.84 -6.35
C ASP A 269 -12.80 12.70 -5.44
N ALA A 270 -13.02 12.48 -4.15
CA ALA A 270 -11.94 12.26 -3.20
C ALA A 270 -11.14 10.99 -3.56
N ILE A 271 -11.83 9.96 -4.05
CA ILE A 271 -11.22 8.69 -4.48
C ILE A 271 -10.46 8.84 -5.83
N MET A 272 -11.05 9.54 -6.82
CA MET A 272 -10.39 9.82 -8.09
C MET A 272 -9.12 10.69 -7.88
N THR A 273 -9.18 11.64 -6.90
CA THR A 273 -8.07 12.54 -6.53
C THR A 273 -6.88 11.78 -5.95
N ARG A 274 -7.08 11.00 -4.87
CA ARG A 274 -6.01 10.18 -4.28
C ARG A 274 -5.47 9.20 -5.33
N CYS A 275 -6.37 8.66 -6.18
CA CYS A 275 -6.00 7.78 -7.27
C CYS A 275 -5.02 8.47 -8.23
N LEU A 276 -5.38 9.68 -8.74
CA LEU A 276 -4.53 10.46 -9.65
C LEU A 276 -3.22 10.89 -8.98
N ALA A 277 -3.25 11.14 -7.65
CA ALA A 277 -2.05 11.50 -6.91
C ALA A 277 -1.14 10.28 -6.76
N VAL A 278 -1.72 9.06 -6.58
CA VAL A 278 -0.97 7.80 -6.45
C VAL A 278 -0.35 7.47 -7.81
N HIS A 279 -1.10 7.67 -8.91
CA HIS A 279 -0.61 7.45 -10.27
C HIS A 279 0.60 8.31 -10.58
N GLU A 280 0.49 9.63 -10.32
CA GLU A 280 1.56 10.57 -10.61
C GLU A 280 2.82 10.34 -9.82
N CYS A 281 2.71 9.79 -8.61
CA CYS A 281 3.90 9.59 -7.75
C CYS A 281 4.42 8.17 -7.71
N PHE A 282 3.63 7.16 -8.11
CA PHE A 282 4.07 5.76 -7.94
C PHE A 282 3.90 4.89 -9.17
N VAL A 283 2.94 5.22 -10.05
CA VAL A 283 2.73 4.45 -11.26
C VAL A 283 3.67 4.94 -12.35
N LYS A 284 3.66 6.27 -12.63
CA LYS A 284 4.45 6.88 -13.69
C LYS A 284 5.83 7.31 -13.22
N ARG A 285 5.92 7.84 -12.00
CA ARG A 285 7.19 8.23 -11.41
C ARG A 285 7.48 7.18 -10.34
N VAL A 286 8.67 6.56 -10.38
CA VAL A 286 8.99 5.53 -9.41
C VAL A 286 10.27 5.92 -8.70
N ASP A 287 10.24 5.96 -7.36
CA ASP A 287 11.43 6.28 -6.58
C ASP A 287 11.68 5.21 -5.52
N TRP A 288 12.39 4.13 -5.86
CA TRP A 288 12.69 3.08 -4.88
C TRP A 288 13.87 3.41 -3.95
N THR A 289 14.16 4.70 -3.78
CA THR A 289 15.17 5.13 -2.82
C THR A 289 14.47 5.43 -1.47
N ILE A 290 13.21 5.91 -1.50
CA ILE A 290 12.46 6.26 -0.32
C ILE A 290 12.19 5.07 0.54
N GLU A 291 12.72 5.10 1.74
CA GLU A 291 12.49 4.06 2.72
C GLU A 291 11.19 4.39 3.47
N TYR A 292 10.51 3.37 3.98
CA TYR A 292 9.29 3.56 4.76
C TYR A 292 9.43 2.81 6.08
N PRO A 293 8.97 3.42 7.20
CA PRO A 293 9.13 2.77 8.51
C PRO A 293 8.37 1.45 8.66
N ILE A 294 8.74 0.67 9.69
CA ILE A 294 8.06 -0.58 9.99
C ILE A 294 6.74 -0.26 10.69
N ILE A 295 5.64 -0.77 10.18
CA ILE A 295 4.32 -0.57 10.78
C ILE A 295 3.54 -1.91 11.00
N GLY A 296 4.21 -3.04 10.74
CA GLY A 296 3.59 -4.34 10.88
C GLY A 296 4.60 -5.48 10.85
N ASP A 297 4.19 -6.58 10.21
CA ASP A 297 4.98 -7.80 10.13
C ASP A 297 5.98 -7.80 8.98
N GLU A 298 6.41 -6.62 8.51
CA GLU A 298 7.36 -6.47 7.41
C GLU A 298 8.56 -7.44 7.47
N LEU A 299 9.28 -7.46 8.58
CA LEU A 299 10.45 -8.32 8.72
C LEU A 299 10.15 -9.79 8.63
N LYS A 300 9.07 -10.24 9.27
CA LYS A 300 8.69 -11.65 9.22
C LYS A 300 8.17 -12.06 7.84
N ILE A 301 7.43 -11.18 7.17
CA ILE A 301 6.87 -11.40 5.82
C ILE A 301 8.00 -11.54 4.79
N ASN A 302 9.07 -10.76 4.94
CA ASN A 302 10.20 -10.82 3.98
C ASN A 302 11.08 -12.01 4.22
N ALA A 303 11.31 -12.34 5.49
CA ALA A 303 12.10 -13.51 5.85
C ALA A 303 11.37 -14.79 5.37
N ALA A 304 10.04 -14.79 5.49
CA ALA A 304 9.19 -15.88 5.04
C ALA A 304 9.28 -16.03 3.55
N CYS A 305 9.23 -14.93 2.78
CA CYS A 305 9.32 -14.93 1.32
C CYS A 305 10.64 -15.53 0.86
N ARG A 306 11.74 -15.22 1.57
CA ARG A 306 13.07 -15.73 1.24
C ARG A 306 13.19 -17.21 1.57
N LYS A 307 12.55 -17.66 2.67
CA LYS A 307 12.56 -19.06 3.08
C LYS A 307 11.72 -19.88 2.12
N VAL A 308 10.53 -19.39 1.77
CA VAL A 308 9.61 -20.05 0.83
C VAL A 308 10.25 -20.20 -0.53
N GLN A 309 10.89 -19.13 -1.02
CA GLN A 309 11.55 -19.14 -2.30
C GLN A 309 12.65 -20.18 -2.41
N HIS A 310 13.46 -20.33 -1.36
CA HIS A 310 14.54 -21.31 -1.34
C HIS A 310 13.95 -22.73 -1.44
N MET A 311 12.94 -23.04 -0.62
CA MET A 311 12.23 -24.31 -0.54
C MET A 311 11.51 -24.68 -1.84
N VAL A 312 10.73 -23.76 -2.40
CA VAL A 312 9.95 -24.00 -3.59
C VAL A 312 10.83 -24.26 -4.81
N VAL A 313 11.90 -23.47 -4.97
CA VAL A 313 12.81 -23.64 -6.09
C VAL A 313 13.72 -24.87 -5.91
N LYS A 314 14.17 -25.15 -4.67
CA LYS A 314 15.02 -26.30 -4.40
C LYS A 314 14.30 -27.62 -4.75
N ALA A 315 13.02 -27.72 -4.34
CA ALA A 315 12.22 -28.90 -4.57
C ALA A 315 11.87 -29.07 -6.03
N ALA A 316 11.61 -27.98 -6.77
CA ALA A 316 11.31 -28.07 -8.19
C ALA A 316 12.52 -28.59 -9.00
N LEU A 317 13.72 -28.26 -8.56
CA LEU A 317 14.94 -28.71 -9.21
C LEU A 317 15.27 -30.14 -8.88
N LEU A 318 14.85 -30.66 -7.71
CA LEU A 318 15.11 -32.06 -7.31
C LEU A 318 14.04 -32.99 -7.93
N ALA A 319 12.78 -32.48 -8.06
CA ALA A 319 11.64 -33.24 -8.59
C ALA A 319 11.73 -33.40 -10.09
N ASP A 320 12.11 -32.32 -10.81
CA ASP A 320 12.16 -32.40 -12.26
C ASP A 320 13.52 -32.23 -12.89
N LYS A 321 14.56 -32.12 -12.09
CA LYS A 321 15.96 -32.09 -12.51
C LYS A 321 16.30 -31.21 -13.70
N PHE A 322 15.55 -30.11 -13.95
CA PHE A 322 15.80 -29.17 -15.05
C PHE A 322 17.27 -28.81 -15.21
N PRO A 323 17.77 -28.64 -16.45
CA PRO A 323 19.20 -28.33 -16.64
C PRO A 323 19.54 -26.85 -16.57
N VAL A 324 18.58 -25.99 -16.92
CA VAL A 324 18.74 -24.56 -16.93
C VAL A 324 17.54 -23.89 -16.24
N LEU A 325 17.80 -22.86 -15.41
CA LEU A 325 16.77 -22.09 -14.76
C LEU A 325 16.91 -20.65 -15.27
N HIS A 326 15.84 -20.09 -15.83
CA HIS A 326 15.81 -18.72 -16.35
C HIS A 326 15.25 -17.80 -15.30
N ASP A 327 16.13 -17.09 -14.59
CA ASP A 327 15.70 -16.21 -13.53
C ASP A 327 15.29 -14.83 -14.07
N ILE A 328 13.99 -14.67 -14.36
CA ILE A 328 13.46 -13.43 -14.92
C ILE A 328 12.84 -12.53 -13.85
N GLY A 329 13.41 -11.36 -13.67
CA GLY A 329 12.93 -10.43 -12.68
C GLY A 329 13.97 -9.45 -12.21
N ASN A 330 13.87 -9.02 -10.96
CA ASN A 330 14.77 -8.08 -10.30
C ASN A 330 16.25 -8.15 -10.74
N PRO A 331 16.86 -7.03 -11.18
CA PRO A 331 18.26 -7.09 -11.62
C PRO A 331 19.28 -7.30 -10.49
N LYS A 332 18.85 -7.14 -9.21
CA LYS A 332 19.72 -7.29 -8.04
C LYS A 332 19.56 -8.67 -7.37
N ALA A 333 19.05 -9.68 -8.10
CA ALA A 333 18.76 -11.01 -7.57
C ALA A 333 19.96 -11.94 -7.45
N ILE A 334 19.88 -12.85 -6.45
CA ILE A 334 20.90 -13.86 -6.19
C ILE A 334 20.26 -15.24 -6.39
N LYS A 335 21.10 -16.29 -6.57
CA LYS A 335 20.62 -17.67 -6.65
C LYS A 335 19.96 -18.01 -5.30
N CYS A 336 18.63 -18.23 -5.29
CA CYS A 336 17.94 -18.57 -4.04
C CYS A 336 18.29 -19.96 -3.50
N VAL A 337 18.77 -20.85 -4.38
CA VAL A 337 19.25 -22.18 -4.04
C VAL A 337 20.70 -22.16 -4.50
N PRO A 338 21.63 -21.62 -3.66
CA PRO A 338 23.03 -21.50 -4.07
C PRO A 338 23.76 -22.79 -4.42
N GLN A 339 23.40 -23.89 -3.76
CA GLN A 339 24.06 -25.17 -4.01
C GLN A 339 23.53 -25.91 -5.25
N ALA A 340 22.40 -25.44 -5.84
CA ALA A 340 21.74 -26.08 -7.00
C ALA A 340 22.67 -26.45 -8.15
N ASP A 341 22.47 -27.66 -8.70
CA ASP A 341 23.26 -28.20 -9.82
C ASP A 341 23.06 -27.40 -11.13
N VAL A 342 21.81 -26.93 -11.35
CA VAL A 342 21.29 -26.18 -12.49
C VAL A 342 22.16 -25.02 -12.99
N GLU A 343 21.99 -24.69 -14.28
CA GLU A 343 22.64 -23.56 -14.96
C GLU A 343 21.73 -22.35 -14.72
N TRP A 344 22.14 -21.47 -13.81
CA TRP A 344 21.36 -20.30 -13.44
C TRP A 344 21.69 -19.11 -14.32
N LYS A 345 20.74 -18.69 -15.18
CA LYS A 345 20.89 -17.53 -16.08
C LYS A 345 19.93 -16.43 -15.67
N PHE A 346 20.45 -15.22 -15.38
CA PHE A 346 19.63 -14.08 -14.96
C PHE A 346 19.18 -13.16 -16.11
N TYR A 347 18.00 -12.53 -15.97
CA TYR A 347 17.37 -11.62 -16.93
C TYR A 347 16.79 -10.49 -16.12
N ASP A 348 17.24 -9.28 -16.40
CA ASP A 348 16.87 -8.10 -15.66
C ASP A 348 15.53 -7.49 -16.09
N ALA A 349 14.65 -7.27 -15.14
CA ALA A 349 13.37 -6.64 -15.37
C ALA A 349 12.90 -6.02 -14.05
N GLN A 350 12.84 -4.69 -13.99
CA GLN A 350 12.39 -4.00 -12.78
C GLN A 350 10.89 -4.28 -12.46
N PRO A 351 10.40 -4.06 -11.22
CA PRO A 351 8.97 -4.26 -10.96
C PRO A 351 8.10 -3.34 -11.80
N CYS A 352 7.20 -3.87 -12.64
CA CYS A 352 6.29 -3.05 -13.43
C CYS A 352 5.22 -2.43 -12.53
N SER A 353 5.13 -1.10 -12.52
CA SER A 353 4.13 -0.40 -11.72
C SER A 353 2.89 -0.04 -12.50
N ASP A 354 3.01 0.20 -13.82
CA ASP A 354 1.85 0.53 -14.64
C ASP A 354 1.11 -0.78 -15.07
N LYS A 355 1.30 -1.24 -16.32
CA LYS A 355 0.68 -2.47 -16.80
C LYS A 355 1.67 -3.63 -16.65
N ALA A 356 1.15 -4.86 -16.59
CA ALA A 356 1.96 -6.07 -16.44
C ALA A 356 2.75 -6.34 -17.71
N TYR A 357 3.98 -6.81 -17.57
CA TYR A 357 4.84 -7.10 -18.71
C TYR A 357 4.24 -8.03 -19.69
N LYS A 358 4.28 -7.73 -21.00
CA LYS A 358 3.84 -8.68 -22.01
C LYS A 358 4.93 -9.75 -22.05
N ILE A 359 4.60 -11.03 -21.84
CA ILE A 359 5.61 -12.10 -21.85
C ILE A 359 6.40 -12.13 -23.17
N GLU A 360 5.79 -11.65 -24.27
CA GLU A 360 6.42 -11.58 -25.57
C GLU A 360 7.47 -10.48 -25.57
N GLU A 361 7.18 -9.31 -24.99
CA GLU A 361 8.17 -8.22 -24.94
C GLU A 361 9.30 -8.47 -23.92
N LEU A 362 9.22 -9.55 -23.14
CA LEU A 362 10.26 -9.96 -22.20
C LEU A 362 11.21 -10.98 -22.87
N PHE A 363 10.69 -11.84 -23.75
CA PHE A 363 11.49 -12.89 -24.36
C PHE A 363 12.05 -12.49 -25.72
N TYR A 364 11.40 -11.56 -26.44
CA TYR A 364 11.87 -11.14 -27.77
C TYR A 364 12.25 -9.65 -27.80
N ASP A 371 17.75 -16.95 -24.17
CA ASP A 371 16.91 -16.96 -25.35
C ASP A 371 16.09 -18.28 -25.58
N LYS A 372 16.54 -19.44 -25.05
CA LYS A 372 15.79 -20.70 -25.18
C LYS A 372 15.01 -20.94 -23.87
N PHE A 373 14.01 -20.08 -23.62
CA PHE A 373 13.18 -20.10 -22.42
C PHE A 373 12.33 -21.34 -22.24
N THR A 374 12.15 -22.12 -23.30
CA THR A 374 11.40 -23.37 -23.23
C THR A 374 12.22 -24.54 -22.65
N ASP A 375 13.54 -24.42 -22.63
CA ASP A 375 14.40 -25.44 -22.02
C ASP A 375 14.39 -25.12 -20.54
N GLY A 376 14.18 -26.13 -19.70
CA GLY A 376 14.22 -25.95 -18.25
C GLY A 376 13.01 -25.25 -17.67
N VAL A 377 13.25 -24.48 -16.60
CA VAL A 377 12.18 -23.78 -15.90
C VAL A 377 12.43 -22.27 -15.86
N CYS A 378 11.37 -21.47 -15.74
CA CYS A 378 11.49 -20.02 -15.65
C CYS A 378 11.04 -19.59 -14.28
N LEU A 379 11.89 -18.87 -13.56
CA LEU A 379 11.54 -18.42 -12.23
C LEU A 379 11.07 -16.98 -12.31
N PHE A 380 9.77 -16.75 -12.07
CA PHE A 380 9.17 -15.42 -12.05
C PHE A 380 8.83 -15.07 -10.59
N TRP A 381 9.85 -14.70 -9.80
CA TRP A 381 9.61 -14.27 -8.43
C TRP A 381 9.30 -12.77 -8.42
N ASN A 382 8.00 -12.45 -8.20
CA ASN A 382 7.43 -11.11 -8.16
C ASN A 382 7.65 -10.33 -9.46
N CYS A 383 7.79 -11.04 -10.59
CA CYS A 383 7.96 -10.41 -11.89
C CYS A 383 6.63 -10.66 -12.57
N ASN A 384 5.73 -9.66 -12.52
CA ASN A 384 4.35 -9.76 -12.99
C ASN A 384 4.16 -9.68 -14.50
N VAL A 385 4.11 -10.83 -15.20
CA VAL A 385 3.86 -10.83 -16.64
C VAL A 385 2.33 -11.03 -16.93
N ASP A 386 1.89 -10.86 -18.18
CA ASP A 386 0.49 -11.00 -18.55
C ASP A 386 -0.02 -12.47 -18.64
N ARG A 387 0.83 -13.42 -19.05
CA ARG A 387 0.48 -14.84 -19.15
C ARG A 387 1.78 -15.61 -19.03
N TYR A 388 1.92 -16.38 -17.95
CA TYR A 388 3.16 -17.09 -17.71
C TYR A 388 3.31 -18.32 -18.57
N PRO A 389 4.54 -18.62 -19.02
CA PRO A 389 4.77 -19.86 -19.77
C PRO A 389 4.39 -21.11 -18.97
N ALA A 390 4.10 -22.23 -19.64
CA ALA A 390 3.77 -23.47 -18.94
C ALA A 390 4.89 -23.96 -18.00
N ASN A 391 6.18 -23.79 -18.37
CA ASN A 391 7.34 -24.23 -17.56
C ASN A 391 7.81 -23.19 -16.50
N SER A 392 6.89 -22.69 -15.63
CA SER A 392 7.26 -21.62 -14.69
C SER A 392 7.02 -21.89 -13.22
N ILE A 393 7.83 -21.25 -12.36
CA ILE A 393 7.67 -21.19 -10.90
C ILE A 393 7.34 -19.71 -10.68
N VAL A 394 6.20 -19.40 -10.04
CA VAL A 394 5.76 -18.00 -9.94
C VAL A 394 5.32 -17.55 -8.57
N CYS A 395 5.74 -16.35 -8.16
CA CYS A 395 5.20 -15.71 -6.97
C CYS A 395 4.59 -14.38 -7.49
N ARG A 396 3.29 -14.21 -7.33
CA ARG A 396 2.61 -13.03 -7.81
C ARG A 396 1.88 -12.39 -6.64
N PHE A 397 2.11 -11.10 -6.37
CA PHE A 397 1.41 -10.42 -5.30
C PHE A 397 -0.09 -10.26 -5.67
N ASP A 398 -0.99 -10.67 -4.78
CA ASP A 398 -2.42 -10.48 -5.02
C ASP A 398 -2.81 -9.13 -4.45
N THR A 399 -3.06 -8.17 -5.34
CA THR A 399 -3.41 -6.80 -5.03
C THR A 399 -4.73 -6.63 -4.26
N ARG A 400 -5.61 -7.64 -4.29
CA ARG A 400 -6.90 -7.54 -3.59
C ARG A 400 -6.83 -7.70 -2.09
N VAL A 401 -5.69 -8.23 -1.57
CA VAL A 401 -5.48 -8.50 -0.15
C VAL A 401 -5.71 -7.30 0.75
N LEU A 402 -6.38 -7.52 1.89
CA LEU A 402 -6.57 -6.45 2.87
C LEU A 402 -5.49 -6.48 3.95
N SER A 403 -4.65 -5.42 4.02
CA SER A 403 -3.57 -5.33 5.00
C SER A 403 -3.11 -3.88 5.20
N ASN A 404 -2.31 -3.63 6.27
CA ASN A 404 -1.72 -2.32 6.56
C ASN A 404 -0.66 -1.97 5.51
N LEU A 405 0.02 -3.00 4.93
CA LEU A 405 1.05 -2.78 3.92
C LEU A 405 0.45 -2.41 2.56
N ASN A 406 -0.68 -3.01 2.23
CA ASN A 406 -1.37 -2.76 0.96
C ASN A 406 -2.34 -1.57 1.05
N LEU A 407 -2.08 -0.51 0.27
CA LEU A 407 -2.93 0.67 0.20
C LEU A 407 -3.64 0.65 -1.17
N PRO A 408 -4.89 1.18 -1.28
CA PRO A 408 -5.60 1.16 -2.59
C PRO A 408 -4.76 1.79 -3.70
N GLY A 409 -4.84 1.26 -4.90
CA GLY A 409 -4.04 1.76 -6.00
C GLY A 409 -4.80 2.40 -7.12
N CYS A 410 -4.19 2.38 -8.29
N CYS A 410 -4.19 2.38 -8.30
CA CYS A 410 -4.68 2.99 -9.51
CA CYS A 410 -4.74 2.93 -9.53
C CYS A 410 -5.02 1.90 -10.54
C CYS A 410 -5.09 1.82 -10.48
N ASP A 411 -6.23 1.97 -11.15
CA ASP A 411 -6.72 1.03 -12.17
C ASP A 411 -6.77 -0.45 -11.73
N GLY A 412 -7.19 -0.69 -10.50
CA GLY A 412 -7.27 -2.04 -9.94
C GLY A 412 -5.98 -2.53 -9.29
N GLY A 413 -4.91 -1.78 -9.44
CA GLY A 413 -3.63 -2.10 -8.85
C GLY A 413 -3.60 -1.75 -7.38
N SER A 414 -2.46 -1.92 -6.74
CA SER A 414 -2.33 -1.57 -5.32
C SER A 414 -0.96 -1.03 -5.02
N LEU A 415 -0.86 -0.18 -3.98
CA LEU A 415 0.43 0.33 -3.59
C LEU A 415 0.90 -0.48 -2.42
N TYR A 416 1.83 -1.43 -2.64
CA TYR A 416 2.31 -2.29 -1.57
C TYR A 416 3.54 -1.67 -0.94
N VAL A 417 3.38 -1.14 0.27
CA VAL A 417 4.47 -0.45 0.96
C VAL A 417 5.11 -1.35 2.07
N ASN A 418 6.28 -1.89 1.76
CA ASN A 418 7.05 -2.73 2.67
C ASN A 418 8.50 -2.37 2.38
N LYS A 419 9.07 -1.42 3.17
CA LYS A 419 10.42 -0.84 3.03
C LYS A 419 10.41 0.16 1.86
N HIS A 420 9.75 -0.21 0.75
CA HIS A 420 9.62 0.62 -0.42
C HIS A 420 8.19 0.53 -0.97
N ALA A 421 7.77 1.55 -1.72
CA ALA A 421 6.45 1.58 -2.31
C ALA A 421 6.46 0.93 -3.69
N PHE A 422 5.72 -0.18 -3.83
CA PHE A 422 5.64 -0.88 -5.09
C PHE A 422 4.23 -0.85 -5.57
N HIS A 423 3.93 0.02 -6.55
CA HIS A 423 2.60 0.03 -7.13
C HIS A 423 2.56 -1.20 -8.03
N THR A 424 1.67 -2.15 -7.71
CA THR A 424 1.58 -3.41 -8.45
C THR A 424 0.36 -3.35 -9.35
N PRO A 425 0.45 -3.84 -10.60
CA PRO A 425 -0.74 -3.88 -11.47
C PRO A 425 -1.83 -4.81 -10.93
N ALA A 426 -3.06 -4.66 -11.43
CA ALA A 426 -4.19 -5.48 -11.00
C ALA A 426 -3.91 -6.99 -11.07
N PHE A 427 -4.33 -7.75 -10.04
CA PHE A 427 -4.19 -9.19 -10.03
C PHE A 427 -5.17 -9.76 -11.08
N ASP A 428 -4.64 -10.51 -12.05
CA ASP A 428 -5.39 -11.07 -13.17
C ASP A 428 -5.25 -12.57 -13.13
N LYS A 429 -6.35 -13.29 -12.80
CA LYS A 429 -6.36 -14.74 -12.66
C LYS A 429 -5.95 -15.49 -13.92
N SER A 430 -6.19 -14.89 -15.08
CA SER A 430 -5.84 -15.49 -16.37
C SER A 430 -4.34 -15.54 -16.66
N ALA A 431 -3.50 -14.84 -15.87
CA ALA A 431 -2.06 -14.90 -16.09
C ALA A 431 -1.52 -16.33 -15.82
N PHE A 432 -2.25 -17.11 -15.01
CA PHE A 432 -1.86 -18.44 -14.54
C PHE A 432 -2.67 -19.60 -15.15
N VAL A 433 -3.11 -19.49 -16.41
CA VAL A 433 -3.87 -20.53 -17.09
C VAL A 433 -3.06 -21.77 -17.41
N ASN A 434 -1.79 -21.60 -17.78
CA ASN A 434 -0.91 -22.74 -18.06
C ASN A 434 -0.26 -23.31 -16.81
N LEU A 435 -0.47 -22.69 -15.65
CA LEU A 435 0.08 -23.14 -14.37
C LEU A 435 -1.07 -23.66 -13.44
N LYS A 436 -0.69 -24.22 -12.27
CA LYS A 436 -1.61 -24.67 -11.23
C LYS A 436 -1.15 -24.04 -9.91
N GLN A 437 -2.02 -23.95 -8.91
CA GLN A 437 -1.64 -23.40 -7.60
C GLN A 437 -0.68 -24.36 -6.95
N LEU A 438 0.45 -23.84 -6.50
CA LEU A 438 1.45 -24.66 -5.84
C LEU A 438 0.94 -24.97 -4.42
N PRO A 439 0.88 -26.25 -4.05
CA PRO A 439 0.38 -26.59 -2.71
C PRO A 439 1.46 -26.51 -1.62
N PHE A 440 1.02 -26.50 -0.34
CA PHE A 440 1.97 -26.47 0.76
C PHE A 440 2.72 -27.83 0.83
N PHE A 441 4.00 -27.76 1.15
CA PHE A 441 4.87 -28.89 1.39
C PHE A 441 6.11 -28.39 2.09
N TYR A 442 6.69 -29.21 2.94
CA TYR A 442 7.94 -28.88 3.62
C TYR A 442 8.90 -29.96 3.23
N TYR A 443 10.00 -29.64 2.55
CA TYR A 443 10.97 -30.66 2.17
C TYR A 443 12.30 -30.42 2.91
N SER A 444 12.88 -31.48 3.47
CA SER A 444 14.18 -31.39 4.10
C SER A 444 15.00 -32.64 3.92
N ASP A 445 16.20 -32.45 3.40
CA ASP A 445 17.23 -33.48 3.20
C ASP A 445 18.32 -33.41 4.29
N SER A 446 18.23 -32.44 5.23
CA SER A 446 19.15 -32.28 6.33
C SER A 446 19.06 -33.47 7.28
N PRO A 447 20.14 -33.78 8.01
CA PRO A 447 20.11 -34.91 8.92
C PRO A 447 19.17 -34.68 10.09
N CYS A 448 18.67 -35.80 10.64
CA CYS A 448 17.74 -35.85 11.75
C CYS A 448 18.53 -35.70 13.04
N GLU A 449 19.07 -34.50 13.27
CA GLU A 449 19.87 -34.22 14.46
C GLU A 449 19.21 -33.06 15.21
N SER A 450 18.80 -33.32 16.47
CA SER A 450 18.06 -32.40 17.33
C SER A 450 18.81 -31.10 17.67
N HIS A 451 19.85 -31.15 18.53
CA HIS A 451 20.62 -29.99 18.95
C HIS A 451 19.77 -28.90 19.65
N GLY A 452 19.50 -29.11 20.93
CA GLY A 452 18.71 -28.17 21.72
C GLY A 452 19.56 -27.25 22.58
N ILE A 459 11.07 -24.77 24.23
CA ILE A 459 9.94 -25.25 23.44
C ILE A 459 9.59 -26.71 23.79
N ASP A 460 8.29 -27.07 23.82
CA ASP A 460 7.89 -28.45 24.14
C ASP A 460 7.12 -29.16 22.97
N TYR A 461 7.45 -30.45 22.76
CA TYR A 461 6.98 -31.32 21.68
C TYR A 461 5.64 -32.05 21.89
N VAL A 462 4.97 -32.36 20.75
CA VAL A 462 3.76 -33.17 20.50
C VAL A 462 4.07 -33.85 19.17
N PRO A 463 4.09 -35.19 19.10
CA PRO A 463 4.46 -35.87 17.85
C PRO A 463 3.80 -35.34 16.58
N LEU A 464 4.60 -34.97 15.57
CA LEU A 464 4.02 -34.42 14.34
C LEU A 464 3.61 -35.50 13.36
N LYS A 465 2.39 -35.40 12.84
CA LYS A 465 1.87 -36.28 11.82
C LYS A 465 1.43 -35.39 10.67
N SER A 466 2.07 -35.53 9.51
CA SER A 466 1.68 -34.75 8.34
C SER A 466 2.11 -35.44 7.07
N ALA A 467 1.25 -35.44 6.03
CA ALA A 467 1.60 -36.01 4.72
C ALA A 467 2.56 -35.09 3.95
N THR A 468 2.56 -33.80 4.28
CA THR A 468 3.35 -32.78 3.59
C THR A 468 4.70 -32.49 4.30
N CYS A 469 5.18 -33.40 5.17
CA CYS A 469 6.50 -33.26 5.77
C CYS A 469 7.34 -34.24 4.94
N ILE A 470 7.88 -33.79 3.82
CA ILE A 470 8.70 -34.66 2.97
C ILE A 470 10.16 -34.75 3.54
N THR A 471 10.37 -35.69 4.47
CA THR A 471 11.66 -35.93 5.14
C THR A 471 11.94 -37.44 5.28
N ARG A 472 13.24 -37.81 5.45
CA ARG A 472 13.69 -39.19 5.61
C ARG A 472 13.02 -39.88 6.80
N CYS A 473 12.75 -39.12 7.86
CA CYS A 473 12.12 -39.57 9.08
C CYS A 473 10.67 -39.88 8.82
N ASN A 474 9.97 -39.02 8.07
CA ASN A 474 8.57 -39.27 7.73
C ASN A 474 8.40 -40.39 6.70
N LEU A 475 9.41 -40.57 5.83
CA LEU A 475 9.45 -41.69 4.90
C LEU A 475 9.61 -42.98 5.75
N GLY A 476 10.55 -42.92 6.71
CA GLY A 476 10.85 -43.98 7.65
C GLY A 476 9.68 -44.37 8.53
N GLY A 477 8.77 -43.44 8.77
CA GLY A 477 7.58 -43.73 9.56
C GLY A 477 7.24 -42.78 10.69
N ALA A 478 8.27 -42.24 11.34
CA ALA A 478 8.11 -41.33 12.47
C ALA A 478 9.00 -40.06 12.33
N VAL A 479 8.40 -38.86 12.22
CA VAL A 479 9.13 -37.58 12.11
C VAL A 479 9.94 -37.21 13.38
N CYS A 480 11.26 -36.97 13.25
CA CYS A 480 12.13 -36.55 14.35
C CYS A 480 11.77 -35.15 14.84
N ARG A 481 12.15 -34.82 16.08
CA ARG A 481 11.84 -33.54 16.70
C ARG A 481 12.39 -32.35 15.91
N HIS A 482 13.59 -32.48 15.34
CA HIS A 482 14.20 -31.43 14.53
C HIS A 482 13.32 -31.04 13.30
N HIS A 483 12.91 -32.04 12.53
CA HIS A 483 12.09 -31.80 11.35
C HIS A 483 10.67 -31.39 11.71
N ALA A 484 10.17 -31.78 12.90
CA ALA A 484 8.86 -31.37 13.40
C ALA A 484 8.86 -29.89 13.78
N ASN A 485 9.94 -29.42 14.43
CA ASN A 485 10.14 -28.02 14.82
C ASN A 485 10.28 -27.14 13.58
N GLU A 486 11.12 -27.58 12.61
CA GLU A 486 11.41 -26.91 11.35
C GLU A 486 10.21 -26.93 10.41
N TYR A 487 9.34 -27.94 10.51
CA TYR A 487 8.14 -28.04 9.68
C TYR A 487 7.16 -26.99 10.15
N ARG A 488 6.91 -26.90 11.45
CA ARG A 488 5.97 -25.94 12.01
C ARG A 488 6.47 -24.51 11.86
N LEU A 489 7.80 -24.30 11.87
CA LEU A 489 8.39 -22.99 11.66
C LEU A 489 8.20 -22.57 10.20
N TYR A 490 8.37 -23.52 9.26
CA TYR A 490 8.18 -23.26 7.83
C TYR A 490 6.69 -23.09 7.50
N LEU A 491 5.81 -23.79 8.19
CA LEU A 491 4.37 -23.64 8.00
C LEU A 491 3.94 -22.22 8.44
N ASP A 492 4.57 -21.69 9.50
CA ASP A 492 4.27 -20.34 10.00
C ASP A 492 4.76 -19.32 9.04
N ALA A 493 5.99 -19.49 8.49
CA ALA A 493 6.55 -18.58 7.49
C ALA A 493 5.68 -18.64 6.24
N TYR A 494 5.25 -19.82 5.83
CA TYR A 494 4.38 -19.99 4.68
C TYR A 494 3.05 -19.23 4.87
N ASN A 495 2.29 -19.52 5.95
CA ASN A 495 1.02 -18.85 6.26
C ASN A 495 1.17 -17.34 6.39
N MET A 496 2.34 -16.87 6.87
CA MET A 496 2.65 -15.46 7.01
C MET A 496 2.65 -14.83 5.63
N MET A 497 3.38 -15.44 4.68
CA MET A 497 3.53 -15.00 3.29
C MET A 497 2.23 -15.00 2.49
N ILE A 498 1.42 -16.05 2.64
CA ILE A 498 0.15 -16.16 1.91
C ILE A 498 -0.83 -15.09 2.39
N SER A 499 -0.87 -14.83 3.70
CA SER A 499 -1.75 -13.83 4.26
C SER A 499 -1.31 -12.41 3.87
N ALA A 500 0.02 -12.19 3.78
CA ALA A 500 0.53 -10.88 3.33
C ALA A 500 0.05 -10.51 1.88
N GLY A 501 -0.61 -11.44 1.18
CA GLY A 501 -1.14 -11.25 -0.15
C GLY A 501 -0.46 -12.01 -1.28
N PHE A 502 0.72 -12.60 -1.05
CA PHE A 502 1.45 -13.32 -2.08
C PHE A 502 0.76 -14.57 -2.54
N SER A 503 0.95 -14.94 -3.81
CA SER A 503 0.33 -16.15 -4.34
C SER A 503 1.33 -16.98 -5.12
N LEU A 504 1.39 -18.29 -4.87
CA LEU A 504 2.33 -19.23 -5.53
C LEU A 504 1.70 -20.12 -6.58
N TRP A 505 2.35 -20.22 -7.74
CA TRP A 505 1.87 -21.01 -8.87
C TRP A 505 3.04 -21.81 -9.46
N VAL A 506 2.79 -23.04 -9.91
CA VAL A 506 3.85 -23.87 -10.48
C VAL A 506 3.41 -24.58 -11.77
N TYR A 507 4.36 -25.11 -12.55
CA TYR A 507 4.07 -25.90 -13.77
C TYR A 507 3.17 -27.08 -13.39
N LYS A 508 2.25 -27.51 -14.27
CA LYS A 508 1.28 -28.58 -13.97
C LYS A 508 1.90 -29.95 -13.58
N GLN A 509 3.09 -30.24 -14.06
CA GLN A 509 3.78 -31.48 -13.78
C GLN A 509 4.41 -31.53 -12.39
N PHE A 510 4.29 -30.47 -11.57
CA PHE A 510 4.89 -30.50 -10.24
C PHE A 510 4.21 -31.49 -9.30
N ASP A 511 4.99 -32.46 -8.81
CA ASP A 511 4.50 -33.50 -7.94
C ASP A 511 5.47 -33.71 -6.80
N THR A 512 5.05 -33.45 -5.55
CA THR A 512 5.94 -33.65 -4.41
C THR A 512 6.24 -35.14 -4.16
N TYR A 513 5.45 -36.06 -4.74
CA TYR A 513 5.73 -37.48 -4.65
C TYR A 513 7.11 -37.81 -5.24
N ASN A 514 7.61 -36.98 -6.18
CA ASN A 514 8.94 -37.16 -6.79
C ASN A 514 10.10 -36.83 -5.86
N LEU A 515 9.82 -36.28 -4.69
CA LEU A 515 10.86 -35.91 -3.73
C LEU A 515 11.21 -37.03 -2.75
N TRP A 516 10.33 -38.01 -2.56
CA TRP A 516 10.62 -39.12 -1.67
C TRP A 516 11.83 -39.95 -2.16
N ASN A 517 12.02 -40.05 -3.49
CA ASN A 517 13.16 -40.79 -4.04
C ASN A 517 14.48 -40.01 -3.99
N THR A 518 14.50 -38.76 -3.46
CA THR A 518 15.77 -38.01 -3.32
C THR A 518 16.57 -38.48 -2.07
N PHE A 519 15.98 -39.32 -1.21
CA PHE A 519 16.63 -39.98 -0.09
C PHE A 519 16.53 -41.47 -0.45
N THR A 520 17.60 -42.06 -1.02
CA THR A 520 17.56 -43.46 -1.43
C THR A 520 18.84 -44.24 -1.06
ZN ZN B . -8.84 5.59 -10.29
ZN ZN C . 14.11 -36.09 10.64
ZN ZN D . -1.54 8.28 22.11
P PO4 E . 4.06 8.19 7.88
O1 PO4 E . 3.66 7.50 9.22
O2 PO4 E . 4.54 7.09 6.83
O3 PO4 E . 5.26 9.18 8.23
O4 PO4 E . 2.82 8.97 7.27
P PO4 F . 16.46 -27.40 7.85
O1 PO4 F . 16.13 -28.78 7.12
O2 PO4 F . 17.07 -27.65 9.26
O3 PO4 F . 15.10 -26.56 7.95
O4 PO4 F . 17.51 -26.60 6.93
S01 60P G . 12.11 -3.73 5.95
C02 60P G . 13.34 -2.85 6.78
C03 60P G . 12.92 -1.57 7.11
C04 60P G . 11.55 -1.40 6.82
C05 60P G . 10.97 -2.49 6.25
C06 60P G . 13.77 -0.49 7.69
C07 60P G . 14.65 -3.51 6.98
O08 60P G . 14.91 -4.48 6.28
O09 60P G . 15.41 -3.08 7.84
S01 60P H . 17.84 -9.47 -25.35
C02 60P H . 16.83 -10.72 -24.72
C03 60P H . 17.39 -11.96 -24.92
C04 60P H . 18.67 -11.87 -25.49
C05 60P H . 19.02 -10.61 -25.81
C06 60P H . 16.76 -13.28 -24.57
C07 60P H . 15.55 -10.31 -24.09
O08 60P H . 14.87 -11.18 -23.55
O09 60P H . 15.23 -9.12 -24.14
#